data_1QR0
#
_entry.id   1QR0
#
_cell.length_a   65.3
_cell.length_b   65.3
_cell.length_c   150.3
_cell.angle_alpha   90
_cell.angle_beta   90
_cell.angle_gamma   90
#
_symmetry.space_group_name_H-M   'P 43 21 2'
#
loop_
_entity.id
_entity.type
_entity.pdbx_description
1 polymer "4'-PHOSPHOPANTETHEINYL TRANSFERASE SFP"
2 non-polymer 'MAGNESIUM ION'
3 non-polymer 'COENZYME A'
4 water water
#
_entity_poly.entity_id   1
_entity_poly.type   'polypeptide(L)'
_entity_poly.pdbx_seq_one_letter_code
;MKIYGIYMDRPLSQEENERFMTFISPEKREKCRRFYHKEDAHRTLLGDVLVRSVISRQYQLDKSDIRFSTQEYGKPCIPD
LPDAHFNISHSGRWVIGAFDSQPIGIDIEKTKPISLEIAKRFFSKTEYSDLLAKDKDEQTDYFYHLWSMKESFIKQEGKG
LSLPLDSFSVRLHQDGQVSIELPDSHSPCYIKTYEVDPGYKMAVCAAHPDFPEDITMVSYEELLRAAA
;
_entity_poly.pdbx_strand_id   A
#
# COMPACT_ATOMS: atom_id res chain seq x y z
N MET A 1 -4.37 -7.01 13.07
CA MET A 1 -4.08 -6.65 11.66
C MET A 1 -5.10 -7.33 10.76
N LYS A 2 -5.60 -6.61 9.78
CA LYS A 2 -6.55 -7.18 8.85
C LYS A 2 -6.28 -6.57 7.47
N ILE A 3 -6.43 -7.37 6.42
CA ILE A 3 -6.20 -6.93 5.06
C ILE A 3 -7.51 -7.10 4.27
N TYR A 4 -7.95 -6.06 3.58
CA TYR A 4 -9.16 -6.19 2.77
C TYR A 4 -8.78 -5.95 1.32
N GLY A 5 -9.46 -6.63 0.40
CA GLY A 5 -9.15 -6.41 -1.00
C GLY A 5 -10.40 -6.23 -1.83
N ILE A 6 -10.29 -5.47 -2.92
CA ILE A 6 -11.40 -5.28 -3.84
C ILE A 6 -10.84 -5.66 -5.20
N TYR A 7 -11.47 -6.64 -5.86
CA TYR A 7 -11.02 -7.04 -7.18
C TYR A 7 -12.06 -6.56 -8.18
N MET A 8 -11.63 -5.67 -9.06
CA MET A 8 -12.54 -5.09 -10.04
C MET A 8 -12.76 -6.02 -11.22
N ASP A 9 -13.64 -6.99 -11.00
CA ASP A 9 -14.01 -7.97 -12.03
C ASP A 9 -14.77 -7.27 -13.14
N ARG A 10 -15.19 -6.03 -12.88
CA ARG A 10 -15.90 -5.19 -13.85
C ARG A 10 -15.74 -3.77 -13.35
N PRO A 11 -15.68 -2.79 -14.27
CA PRO A 11 -15.54 -1.39 -13.84
C PRO A 11 -16.77 -0.91 -13.06
N LEU A 12 -16.64 0.23 -12.40
CA LEU A 12 -17.77 0.77 -11.66
C LEU A 12 -18.76 1.30 -12.69
N SER A 13 -20.05 1.08 -12.44
CA SER A 13 -21.08 1.61 -13.35
C SER A 13 -21.21 3.13 -13.12
N GLN A 14 -21.81 3.82 -14.08
CA GLN A 14 -22.00 5.26 -14.00
C GLN A 14 -22.52 5.65 -12.64
N GLU A 15 -23.53 4.91 -12.18
CA GLU A 15 -24.18 5.16 -10.90
C GLU A 15 -23.32 4.76 -9.72
N GLU A 16 -22.60 3.65 -9.85
CA GLU A 16 -21.75 3.20 -8.76
C GLU A 16 -20.65 4.21 -8.51
N ASN A 17 -20.08 4.75 -9.58
CA ASN A 17 -19.02 5.74 -9.42
C ASN A 17 -19.56 7.05 -8.84
N GLU A 18 -20.81 7.40 -9.17
CA GLU A 18 -21.41 8.63 -8.66
C GLU A 18 -21.74 8.47 -7.16
N ARG A 19 -22.26 7.30 -6.79
CA ARG A 19 -22.60 6.97 -5.42
C ARG A 19 -21.36 7.03 -4.51
N PHE A 20 -20.26 6.43 -4.97
CA PHE A 20 -19.03 6.42 -4.19
C PHE A 20 -18.42 7.83 -4.03
N MET A 21 -18.45 8.62 -5.11
CA MET A 21 -17.90 9.97 -5.09
C MET A 21 -18.57 10.81 -4.00
N THR A 22 -19.78 10.42 -3.71
CA THR A 22 -20.59 11.07 -2.72
C THR A 22 -20.08 10.91 -1.29
N PHE A 23 -19.26 9.90 -1.04
CA PHE A 23 -18.72 9.64 0.31
C PHE A 23 -17.42 10.37 0.65
N ILE A 24 -16.71 10.80 -0.38
CA ILE A 24 -15.43 11.43 -0.19
C ILE A 24 -15.48 12.94 -0.11
N SER A 25 -14.33 13.52 0.18
CA SER A 25 -14.20 14.95 0.32
C SER A 25 -14.28 15.61 -1.04
N PRO A 26 -14.46 16.94 -1.07
CA PRO A 26 -14.54 17.67 -2.34
C PRO A 26 -13.19 17.64 -3.04
N GLU A 27 -12.14 17.68 -2.25
CA GLU A 27 -10.77 17.67 -2.74
C GLU A 27 -10.44 16.34 -3.42
N LYS A 28 -11.00 15.27 -2.90
CA LYS A 28 -10.76 13.96 -3.46
C LYS A 28 -11.52 13.78 -4.75
N ARG A 29 -12.74 14.31 -4.81
CA ARG A 29 -13.53 14.21 -6.02
C ARG A 29 -12.80 14.95 -7.16
N GLU A 30 -12.21 16.08 -6.85
CA GLU A 30 -11.47 16.86 -7.84
C GLU A 30 -10.29 16.05 -8.33
N LYS A 31 -9.52 15.49 -7.40
CA LYS A 31 -8.39 14.69 -7.80
C LYS A 31 -8.83 13.52 -8.68
N CYS A 32 -9.95 12.89 -8.31
CA CYS A 32 -10.48 11.77 -9.07
C CYS A 32 -10.92 12.24 -10.45
N ARG A 33 -11.53 13.41 -10.51
CA ARG A 33 -12.02 13.98 -11.77
C ARG A 33 -10.87 14.31 -12.69
N ARG A 34 -9.74 14.67 -12.10
CA ARG A 34 -8.59 15.07 -12.88
C ARG A 34 -7.81 13.97 -13.60
N PHE A 35 -7.96 12.72 -13.20
CA PHE A 35 -7.22 11.65 -13.86
C PHE A 35 -7.58 11.51 -15.35
N TYR A 36 -6.58 11.35 -16.20
CA TYR A 36 -6.84 11.18 -17.60
C TYR A 36 -7.61 9.90 -17.82
N HIS A 37 -7.20 8.84 -17.13
CA HIS A 37 -7.85 7.54 -17.25
C HIS A 37 -8.83 7.25 -16.13
N LYS A 38 -10.06 6.91 -16.51
CA LYS A 38 -11.09 6.58 -15.54
C LYS A 38 -10.69 5.43 -14.60
N GLU A 39 -9.88 4.47 -15.05
CA GLU A 39 -9.50 3.38 -14.15
C GLU A 39 -8.58 3.84 -12.99
N ASP A 40 -7.82 4.93 -13.21
CA ASP A 40 -6.98 5.50 -12.16
C ASP A 40 -7.92 6.17 -11.15
N ALA A 41 -8.97 6.84 -11.65
CA ALA A 41 -9.94 7.49 -10.78
C ALA A 41 -10.69 6.44 -9.95
N HIS A 42 -11.09 5.36 -10.61
CA HIS A 42 -11.80 4.27 -9.96
C HIS A 42 -10.95 3.62 -8.85
N ARG A 43 -9.65 3.46 -9.09
CA ARG A 43 -8.75 2.86 -8.08
C ARG A 43 -8.59 3.80 -6.85
N THR A 44 -8.36 5.08 -7.10
CA THR A 44 -8.20 6.05 -6.03
C THR A 44 -9.51 6.15 -5.26
N LEU A 45 -10.61 6.19 -6.00
CA LEU A 45 -11.94 6.28 -5.37
C LEU A 45 -12.23 5.11 -4.45
N LEU A 46 -12.03 3.89 -4.94
CA LEU A 46 -12.29 2.67 -4.15
C LEU A 46 -11.33 2.54 -2.96
N GLY A 47 -10.07 2.94 -3.15
CA GLY A 47 -9.14 2.88 -2.05
C GLY A 47 -9.63 3.78 -0.92
N ASP A 48 -10.11 4.96 -1.28
CA ASP A 48 -10.62 5.92 -0.29
C ASP A 48 -11.89 5.33 0.41
N VAL A 49 -12.85 4.84 -0.37
CA VAL A 49 -14.07 4.27 0.19
C VAL A 49 -13.84 3.00 1.03
N LEU A 50 -12.88 2.16 0.65
CA LEU A 50 -12.55 0.95 1.44
C LEU A 50 -12.09 1.39 2.88
N VAL A 51 -11.16 2.33 2.95
CA VAL A 51 -10.66 2.85 4.24
C VAL A 51 -11.83 3.46 5.04
N ARG A 52 -12.66 4.29 4.39
CA ARG A 52 -13.81 4.89 5.07
C ARG A 52 -14.76 3.82 5.61
N SER A 53 -15.04 2.85 4.77
CA SER A 53 -15.91 1.76 5.13
C SER A 53 -15.34 0.93 6.30
N VAL A 54 -14.09 0.49 6.20
CA VAL A 54 -13.47 -0.31 7.26
C VAL A 54 -13.34 0.39 8.61
N ILE A 55 -12.78 1.59 8.60
CA ILE A 55 -12.56 2.31 9.84
C ILE A 55 -13.84 2.89 10.47
N SER A 56 -14.75 3.42 9.65
CA SER A 56 -15.99 3.97 10.19
C SER A 56 -16.78 2.85 10.88
N ARG A 57 -16.82 1.68 10.27
CA ARG A 57 -17.53 0.55 10.85
C ARG A 57 -16.88 0.18 12.20
N GLN A 58 -15.55 0.24 12.26
CA GLN A 58 -14.83 -0.06 13.48
C GLN A 58 -15.23 0.86 14.63
N TYR A 59 -15.54 2.11 14.32
CA TYR A 59 -15.92 3.06 15.35
C TYR A 59 -17.35 3.50 15.23
N GLN A 60 -18.18 2.64 14.65
CA GLN A 60 -19.60 2.92 14.46
C GLN A 60 -19.89 4.35 14.01
N LEU A 61 -19.15 4.76 12.99
CA LEU A 61 -19.26 6.07 12.38
C LEU A 61 -19.78 5.84 10.98
N ASP A 62 -20.04 6.92 10.27
CA ASP A 62 -20.52 6.87 8.91
C ASP A 62 -19.36 7.17 8.00
N LYS A 63 -19.23 6.40 6.92
CA LYS A 63 -18.16 6.58 5.96
C LYS A 63 -17.92 8.06 5.65
N SER A 64 -19.00 8.80 5.44
CA SER A 64 -18.91 10.22 5.11
C SER A 64 -18.26 11.03 6.20
N ASP A 65 -18.37 10.54 7.43
CA ASP A 65 -17.83 11.20 8.60
C ASP A 65 -16.33 11.35 8.64
N ILE A 66 -15.64 10.30 8.24
CA ILE A 66 -14.18 10.29 8.27
C ILE A 66 -13.57 11.54 7.65
N ARG A 67 -12.50 12.04 8.26
CA ARG A 67 -11.81 13.21 7.74
C ARG A 67 -10.35 12.84 7.63
N PHE A 68 -9.83 12.83 6.41
CA PHE A 68 -8.43 12.48 6.18
C PHE A 68 -7.48 13.64 6.23
N SER A 69 -6.22 13.30 6.46
CA SER A 69 -5.18 14.29 6.45
C SER A 69 -3.92 13.60 5.97
N THR A 70 -2.91 14.41 5.67
CA THR A 70 -1.65 13.92 5.17
C THR A 70 -0.53 14.27 6.13
N GLN A 71 0.28 13.28 6.44
CA GLN A 71 1.40 13.51 7.34
C GLN A 71 2.51 14.22 6.57
N GLU A 72 3.69 14.38 7.19
CA GLU A 72 4.82 15.09 6.57
C GLU A 72 5.20 14.69 5.14
N TYR A 73 5.25 13.40 4.83
CA TYR A 73 5.64 13.03 3.47
C TYR A 73 4.52 12.52 2.59
N GLY A 74 3.30 12.92 2.94
CA GLY A 74 2.15 12.54 2.16
C GLY A 74 1.38 11.31 2.59
N LYS A 75 1.83 10.60 3.63
CA LYS A 75 1.08 9.42 4.03
C LYS A 75 -0.26 9.80 4.64
N PRO A 76 -1.35 9.20 4.13
CA PRO A 76 -2.67 9.54 4.69
C PRO A 76 -2.87 8.95 6.05
N CYS A 77 -3.70 9.63 6.82
CA CYS A 77 -4.06 9.19 8.16
C CYS A 77 -5.40 9.85 8.48
N ILE A 78 -5.99 9.46 9.60
CA ILE A 78 -7.25 10.05 10.04
C ILE A 78 -6.90 10.63 11.43
N PRO A 79 -6.54 11.93 11.47
CA PRO A 79 -6.17 12.65 12.69
C PRO A 79 -7.03 12.38 13.95
N ASP A 80 -8.35 12.35 13.78
CA ASP A 80 -9.26 12.09 14.90
C ASP A 80 -9.35 10.64 15.32
N LEU A 81 -8.68 9.74 14.61
CA LEU A 81 -8.67 8.31 14.94
C LEU A 81 -7.20 7.86 14.81
N PRO A 82 -6.33 8.34 15.71
CA PRO A 82 -4.89 8.07 15.77
C PRO A 82 -4.42 6.63 15.80
N ASP A 83 -5.24 5.75 16.30
CA ASP A 83 -4.85 4.34 16.38
C ASP A 83 -5.41 3.51 15.24
N ALA A 84 -6.16 4.13 14.33
CA ALA A 84 -6.70 3.42 13.16
C ALA A 84 -5.72 3.62 12.01
N HIS A 85 -4.58 2.93 12.08
CA HIS A 85 -3.58 3.05 11.05
C HIS A 85 -3.97 2.25 9.83
N PHE A 86 -3.58 2.73 8.67
CA PHE A 86 -3.91 2.03 7.44
C PHE A 86 -2.94 2.39 6.32
N ASN A 87 -3.08 1.66 5.22
CA ASN A 87 -2.30 1.94 4.02
C ASN A 87 -3.01 1.27 2.88
N ILE A 88 -3.01 1.96 1.74
CA ILE A 88 -3.67 1.50 0.52
C ILE A 88 -2.65 1.35 -0.62
N SER A 89 -2.90 0.39 -1.50
CA SER A 89 -2.11 0.22 -2.70
C SER A 89 -3.14 -0.22 -3.73
N HIS A 90 -2.98 0.21 -4.96
CA HIS A 90 -3.91 -0.19 -6.01
C HIS A 90 -3.17 -0.27 -7.31
N SER A 91 -3.44 -1.35 -8.04
CA SER A 91 -2.79 -1.58 -9.32
C SER A 91 -3.68 -2.49 -10.16
N GLY A 92 -3.92 -2.10 -11.41
CA GLY A 92 -4.74 -2.92 -12.28
C GLY A 92 -6.09 -3.07 -11.67
N ARG A 93 -6.55 -4.32 -11.56
CA ARG A 93 -7.88 -4.59 -11.02
C ARG A 93 -7.86 -4.74 -9.52
N TRP A 94 -6.72 -4.49 -8.89
CA TRP A 94 -6.67 -4.67 -7.45
C TRP A 94 -6.56 -3.41 -6.63
N VAL A 95 -7.38 -3.34 -5.59
CA VAL A 95 -7.33 -2.23 -4.65
C VAL A 95 -7.25 -3.00 -3.34
N ILE A 96 -6.17 -2.80 -2.60
CA ILE A 96 -5.99 -3.50 -1.34
C ILE A 96 -5.58 -2.59 -0.17
N GLY A 97 -6.06 -2.89 1.03
CA GLY A 97 -5.72 -2.06 2.18
C GLY A 97 -5.42 -2.92 3.39
N ALA A 98 -4.43 -2.48 4.16
CA ALA A 98 -4.02 -3.15 5.40
C ALA A 98 -4.38 -2.17 6.53
N PHE A 99 -4.84 -2.68 7.66
CA PHE A 99 -5.26 -1.87 8.81
C PHE A 99 -4.64 -2.51 10.05
N ASP A 100 -4.14 -1.69 10.97
CA ASP A 100 -3.47 -2.18 12.16
C ASP A 100 -3.48 -1.06 13.20
N SER A 101 -3.16 -1.39 14.46
CA SER A 101 -3.12 -0.39 15.52
C SER A 101 -1.73 0.30 15.55
N GLN A 102 -0.88 -0.08 14.59
CA GLN A 102 0.46 0.49 14.44
C GLN A 102 0.70 0.78 12.94
N PRO A 103 1.65 1.66 12.62
CA PRO A 103 1.98 2.03 11.22
C PRO A 103 2.17 0.80 10.36
N ILE A 104 1.54 0.82 9.19
CA ILE A 104 1.61 -0.33 8.32
C ILE A 104 1.79 0.14 6.88
N GLY A 105 2.36 -0.75 6.06
CA GLY A 105 2.58 -0.45 4.65
C GLY A 105 2.18 -1.64 3.79
N ILE A 106 1.62 -1.38 2.61
CA ILE A 106 1.21 -2.43 1.71
C ILE A 106 1.47 -2.00 0.27
N ASP A 107 1.81 -2.96 -0.57
CA ASP A 107 2.01 -2.66 -1.97
C ASP A 107 1.59 -3.80 -2.91
N ILE A 108 0.82 -3.45 -3.94
CA ILE A 108 0.40 -4.42 -4.94
C ILE A 108 0.82 -3.88 -6.31
N GLU A 109 1.33 -4.76 -7.17
CA GLU A 109 1.79 -4.37 -8.48
C GLU A 109 1.33 -5.30 -9.56
N LYS A 110 0.70 -4.75 -10.61
CA LYS A 110 0.34 -5.57 -11.75
C LYS A 110 1.71 -5.84 -12.41
N THR A 111 2.02 -7.08 -12.73
CA THR A 111 3.30 -7.37 -13.35
C THR A 111 3.30 -6.97 -14.83
N LYS A 112 4.28 -6.19 -15.23
CA LYS A 112 4.34 -5.76 -16.61
C LYS A 112 5.77 -5.60 -17.08
N PRO A 113 5.94 -5.39 -18.39
CA PRO A 113 7.28 -5.21 -18.92
C PRO A 113 8.08 -4.25 -18.07
N ILE A 114 9.14 -4.78 -17.49
CA ILE A 114 10.05 -4.05 -16.64
C ILE A 114 10.68 -2.89 -17.37
N SER A 115 11.23 -1.97 -16.58
CA SER A 115 11.96 -0.83 -17.10
C SER A 115 13.12 -0.61 -16.16
N LEU A 116 14.30 -0.51 -16.77
CA LEU A 116 15.55 -0.31 -16.05
C LEU A 116 15.47 0.77 -14.99
N GLU A 117 14.59 1.75 -15.18
CA GLU A 117 14.44 2.77 -14.16
C GLU A 117 13.65 2.13 -13.01
N ILE A 118 13.95 2.59 -11.80
CA ILE A 118 13.43 2.11 -10.51
C ILE A 118 14.33 0.90 -10.24
N ALA A 119 14.57 0.16 -11.32
CA ALA A 119 15.40 -1.03 -11.29
C ALA A 119 16.86 -0.59 -11.18
N LYS A 120 17.18 0.61 -11.63
CA LYS A 120 18.54 1.10 -11.55
C LYS A 120 18.70 2.03 -10.35
N ARG A 121 17.73 2.90 -10.19
CA ARG A 121 17.71 3.84 -9.08
C ARG A 121 16.47 3.54 -8.24
N PHE A 122 16.61 2.54 -7.36
CA PHE A 122 15.57 2.08 -6.43
C PHE A 122 15.83 0.62 -6.11
N PHE A 123 16.75 0.06 -6.89
CA PHE A 123 17.19 -1.30 -6.76
C PHE A 123 18.66 -1.05 -6.54
N SER A 124 19.30 -1.88 -5.74
CA SER A 124 20.71 -1.71 -5.48
C SER A 124 21.48 -2.31 -6.63
N LYS A 125 22.80 -2.15 -6.64
CA LYS A 125 23.61 -2.76 -7.69
C LYS A 125 23.35 -4.23 -7.48
N THR A 126 23.06 -4.53 -6.23
CA THR A 126 22.78 -5.88 -5.77
C THR A 126 21.44 -6.43 -6.31
N GLU A 127 20.34 -5.76 -6.00
CA GLU A 127 19.03 -6.21 -6.47
C GLU A 127 19.06 -6.29 -8.02
N TYR A 128 19.64 -5.26 -8.64
CA TYR A 128 19.76 -5.14 -10.10
C TYR A 128 20.50 -6.27 -10.78
N SER A 129 21.68 -6.57 -10.27
CA SER A 129 22.49 -7.63 -10.83
C SER A 129 21.80 -8.97 -10.64
N ASP A 130 21.06 -9.10 -9.54
CA ASP A 130 20.34 -10.33 -9.20
C ASP A 130 19.26 -10.55 -10.24
N LEU A 131 18.59 -9.45 -10.56
CA LEU A 131 17.49 -9.38 -11.52
C LEU A 131 17.96 -9.74 -12.89
N LEU A 132 19.01 -9.06 -13.37
CA LEU A 132 19.52 -9.35 -14.69
C LEU A 132 19.99 -10.80 -14.73
N ALA A 133 20.21 -11.36 -13.54
CA ALA A 133 20.65 -12.77 -13.39
C ALA A 133 19.50 -13.72 -13.71
N LYS A 134 18.27 -13.33 -13.35
CA LYS A 134 17.09 -14.14 -13.64
C LYS A 134 16.99 -14.31 -15.14
N ASP A 135 16.31 -15.36 -15.56
CA ASP A 135 16.12 -15.60 -16.97
C ASP A 135 15.09 -14.58 -17.39
N LYS A 136 15.06 -14.26 -18.68
CA LYS A 136 14.12 -13.27 -19.18
C LYS A 136 12.67 -13.46 -18.77
N ASP A 137 12.19 -14.70 -18.77
CA ASP A 137 10.80 -14.97 -18.41
C ASP A 137 10.53 -14.85 -16.91
N GLU A 138 11.57 -14.71 -16.11
CA GLU A 138 11.41 -14.61 -14.68
C GLU A 138 11.83 -13.27 -14.17
N GLN A 139 12.30 -12.42 -15.07
CA GLN A 139 12.73 -11.10 -14.67
C GLN A 139 11.58 -10.19 -14.26
N THR A 140 10.48 -10.25 -15.00
CA THR A 140 9.36 -9.37 -14.69
C THR A 140 8.79 -9.69 -13.30
N ASP A 141 8.55 -10.96 -13.03
CA ASP A 141 7.99 -11.36 -11.77
C ASP A 141 8.93 -11.09 -10.60
N TYR A 142 10.22 -11.30 -10.84
CA TYR A 142 11.22 -11.08 -9.81
C TYR A 142 11.34 -9.60 -9.50
N PHE A 143 11.28 -8.78 -10.53
CA PHE A 143 11.39 -7.35 -10.35
C PHE A 143 10.26 -6.88 -9.44
N TYR A 144 9.04 -7.29 -9.76
CA TYR A 144 7.90 -6.88 -8.97
C TYR A 144 7.84 -7.50 -7.60
N HIS A 145 8.44 -8.67 -7.49
CA HIS A 145 8.52 -9.35 -6.21
C HIS A 145 9.36 -8.43 -5.30
N LEU A 146 10.57 -8.13 -5.72
CA LEU A 146 11.44 -7.27 -4.91
C LEU A 146 10.85 -5.87 -4.71
N TRP A 147 10.28 -5.30 -5.76
CA TRP A 147 9.71 -3.96 -5.64
C TRP A 147 8.52 -3.89 -4.70
N SER A 148 7.62 -4.85 -4.77
CA SER A 148 6.46 -4.79 -3.88
C SER A 148 6.91 -4.81 -2.40
N MET A 149 7.93 -5.62 -2.12
CA MET A 149 8.49 -5.77 -0.78
C MET A 149 9.18 -4.48 -0.38
N LYS A 150 10.02 -3.95 -1.26
CA LYS A 150 10.70 -2.71 -0.95
C LYS A 150 9.75 -1.54 -0.71
N GLU A 151 8.74 -1.36 -1.57
CA GLU A 151 7.80 -0.26 -1.38
C GLU A 151 6.90 -0.44 -0.16
N SER A 152 6.62 -1.67 0.21
CA SER A 152 5.81 -1.86 1.40
C SER A 152 6.60 -1.32 2.61
N PHE A 153 7.92 -1.50 2.60
CA PHE A 153 8.75 -1.02 3.69
C PHE A 153 8.73 0.51 3.72
N ILE A 154 9.00 1.12 2.56
CA ILE A 154 9.02 2.57 2.46
C ILE A 154 7.67 3.19 2.82
N LYS A 155 6.58 2.52 2.44
CA LYS A 155 5.26 3.02 2.72
C LYS A 155 4.88 2.86 4.19
N GLN A 156 5.47 1.86 4.83
CA GLN A 156 5.21 1.63 6.24
C GLN A 156 5.92 2.68 7.07
N GLU A 157 7.18 2.96 6.73
CA GLU A 157 7.99 3.94 7.45
C GLU A 157 7.39 5.32 7.29
N GLY A 158 6.75 5.55 6.15
CA GLY A 158 6.11 6.81 5.89
C GLY A 158 7.04 7.98 5.61
N LYS A 159 8.22 7.95 6.20
CA LYS A 159 9.20 9.02 6.06
C LYS A 159 9.75 9.25 4.66
N GLY A 160 9.02 8.82 3.63
CA GLY A 160 9.52 9.00 2.29
C GLY A 160 10.70 8.12 1.92
N LEU A 161 11.64 8.69 1.17
CA LEU A 161 12.81 8.00 0.66
C LEU A 161 14.14 8.31 1.33
N SER A 162 14.12 9.03 2.44
CA SER A 162 15.37 9.42 3.09
C SER A 162 15.45 9.32 4.62
N LEU A 163 15.54 8.11 5.16
CA LEU A 163 15.61 7.92 6.61
C LEU A 163 16.41 9.01 7.30
N PRO A 164 15.71 10.06 7.78
CA PRO A 164 16.38 11.17 8.44
C PRO A 164 16.41 10.95 9.92
N LEU A 165 15.31 10.44 10.47
CA LEU A 165 15.26 10.21 11.91
C LEU A 165 16.46 9.37 12.33
N ASP A 166 16.74 9.40 13.63
CA ASP A 166 17.84 8.67 14.28
C ASP A 166 17.47 7.19 14.19
N SER A 167 17.17 6.76 12.97
CA SER A 167 16.73 5.40 12.69
C SER A 167 17.85 4.42 12.39
N PHE A 168 19.09 4.90 12.43
CA PHE A 168 20.19 3.99 12.14
C PHE A 168 21.41 4.15 13.01
N SER A 169 22.20 3.10 13.05
CA SER A 169 23.44 3.03 13.80
C SER A 169 24.58 2.42 12.95
N VAL A 170 25.77 3.01 13.05
CA VAL A 170 26.93 2.55 12.31
C VAL A 170 27.57 1.39 13.04
N ARG A 171 27.76 0.28 12.33
CA ARG A 171 28.35 -0.94 12.88
C ARG A 171 29.65 -1.24 12.11
N LEU A 172 30.74 -1.52 12.81
CA LEU A 172 32.00 -1.80 12.14
C LEU A 172 32.35 -3.29 12.15
N HIS A 173 32.74 -3.80 10.98
CA HIS A 173 33.07 -5.19 10.87
C HIS A 173 34.54 -5.34 10.61
N GLN A 174 34.90 -6.48 10.05
CA GLN A 174 36.28 -6.78 9.75
C GLN A 174 36.96 -5.64 9.04
N ASP A 175 38.14 -5.32 9.54
CA ASP A 175 38.98 -4.27 8.96
C ASP A 175 38.25 -2.94 8.81
N GLY A 176 37.42 -2.62 9.79
CA GLY A 176 36.69 -1.37 9.78
C GLY A 176 35.55 -1.21 8.77
N GLN A 177 35.17 -2.26 8.06
CA GLN A 177 34.10 -2.10 7.06
C GLN A 177 32.80 -1.73 7.73
N VAL A 178 32.07 -0.74 7.22
CA VAL A 178 30.84 -0.41 7.90
C VAL A 178 29.59 -1.05 7.36
N SER A 179 28.68 -1.34 8.26
CA SER A 179 27.38 -1.87 7.89
C SER A 179 26.45 -0.97 8.67
N ILE A 180 25.41 -0.46 8.02
CA ILE A 180 24.49 0.40 8.72
C ILE A 180 23.40 -0.54 9.25
N GLU A 181 23.11 -0.45 10.54
CA GLU A 181 22.09 -1.29 11.16
C GLU A 181 20.74 -0.53 11.17
N LEU A 182 19.77 -1.06 10.45
CA LEU A 182 18.47 -0.45 10.33
C LEU A 182 17.45 -1.49 9.82
N PRO A 183 16.21 -1.47 10.35
CA PRO A 183 15.70 -0.56 11.38
C PRO A 183 16.36 -0.78 12.75
N ASP A 184 16.14 0.13 13.68
CA ASP A 184 16.67 -0.01 15.02
C ASP A 184 16.09 -1.32 15.54
N SER A 185 16.90 -2.13 16.23
CA SER A 185 16.44 -3.41 16.73
C SER A 185 15.23 -3.28 17.62
N HIS A 186 14.99 -2.09 18.15
CA HIS A 186 13.85 -1.89 19.03
C HIS A 186 12.62 -1.40 18.29
N SER A 187 12.77 -1.18 16.98
CA SER A 187 11.67 -0.72 16.12
C SER A 187 11.68 -1.65 14.94
N PRO A 188 11.44 -2.95 15.18
CA PRO A 188 11.45 -3.92 14.08
C PRO A 188 10.22 -3.87 13.20
N CYS A 189 10.36 -4.33 11.97
CA CYS A 189 9.20 -4.42 11.10
C CYS A 189 9.35 -5.77 10.41
N TYR A 190 8.27 -6.25 9.82
CA TYR A 190 8.27 -7.56 9.21
C TYR A 190 7.52 -7.46 7.92
N ILE A 191 7.87 -8.32 6.96
CA ILE A 191 7.18 -8.31 5.69
C ILE A 191 6.64 -9.70 5.39
N LYS A 192 5.43 -9.74 4.86
CA LYS A 192 4.80 -10.98 4.43
C LYS A 192 4.28 -10.77 3.01
N THR A 193 4.59 -11.66 2.08
CA THR A 193 4.06 -11.49 0.73
C THR A 193 2.81 -12.38 0.57
N TYR A 194 1.86 -11.96 -0.28
CA TYR A 194 0.62 -12.70 -0.47
C TYR A 194 0.38 -12.97 -1.93
N GLU A 195 -0.04 -14.19 -2.24
CA GLU A 195 -0.33 -14.59 -3.61
C GLU A 195 -1.82 -14.40 -3.81
N VAL A 196 -2.22 -13.30 -4.40
CA VAL A 196 -3.65 -13.06 -4.58
C VAL A 196 -4.15 -13.27 -6.02
N ASP A 197 -3.24 -13.15 -6.97
CA ASP A 197 -3.58 -13.25 -8.39
C ASP A 197 -2.21 -13.46 -9.06
N PRO A 198 -2.10 -14.46 -9.95
CA PRO A 198 -0.80 -14.68 -10.59
C PRO A 198 -0.26 -13.51 -11.40
N GLY A 199 -1.11 -12.58 -11.82
CA GLY A 199 -0.59 -11.44 -12.58
C GLY A 199 -0.17 -10.29 -11.70
N TYR A 200 -0.05 -10.57 -10.40
CA TYR A 200 0.31 -9.53 -9.42
C TYR A 200 1.27 -9.98 -8.33
N LYS A 201 1.99 -9.02 -7.76
CA LYS A 201 2.91 -9.22 -6.62
C LYS A 201 2.40 -8.29 -5.50
N MET A 202 2.29 -8.81 -4.27
CA MET A 202 1.77 -8.04 -3.13
C MET A 202 2.56 -8.32 -1.86
N ALA A 203 2.80 -7.27 -1.09
CA ALA A 203 3.54 -7.40 0.15
C ALA A 203 3.02 -6.41 1.16
N VAL A 204 3.05 -6.86 2.42
CA VAL A 204 2.64 -6.07 3.57
C VAL A 204 3.83 -5.96 4.51
N CYS A 205 4.03 -4.76 5.03
CA CYS A 205 5.09 -4.50 5.98
C CYS A 205 4.40 -3.96 7.24
N ALA A 206 4.50 -4.71 8.34
CA ALA A 206 3.88 -4.35 9.62
C ALA A 206 4.89 -4.29 10.78
N ALA A 207 4.46 -3.66 11.88
CA ALA A 207 5.31 -3.50 13.06
C ALA A 207 5.38 -4.76 13.91
N HIS A 208 4.58 -5.76 13.59
CA HIS A 208 4.55 -7.00 14.35
C HIS A 208 4.32 -8.15 13.37
N PRO A 209 4.84 -9.35 13.68
CA PRO A 209 4.71 -10.52 12.82
C PRO A 209 3.39 -11.30 12.79
N ASP A 210 2.31 -10.70 13.28
CA ASP A 210 0.98 -11.33 13.34
C ASP A 210 0.13 -11.04 12.13
N PHE A 211 0.50 -11.64 11.02
CA PHE A 211 -0.23 -11.38 9.79
C PHE A 211 -1.42 -12.29 9.60
N PRO A 212 -2.52 -11.74 9.08
CA PRO A 212 -3.68 -12.58 8.83
C PRO A 212 -3.34 -13.62 7.75
N GLU A 213 -3.93 -14.79 7.87
CA GLU A 213 -3.72 -15.86 6.91
C GLU A 213 -4.30 -15.45 5.55
N ASP A 214 -5.51 -14.88 5.59
CA ASP A 214 -6.19 -14.43 4.37
C ASP A 214 -6.65 -12.99 4.33
N ILE A 215 -6.90 -12.54 3.11
CA ILE A 215 -7.38 -11.21 2.84
C ILE A 215 -8.90 -11.31 2.75
N THR A 216 -9.60 -10.31 3.26
CA THR A 216 -11.05 -10.32 3.22
C THR A 216 -11.49 -9.58 1.98
N MET A 217 -12.21 -10.26 1.08
CA MET A 217 -12.68 -9.62 -0.15
C MET A 217 -13.94 -8.80 0.06
N VAL A 218 -14.00 -7.64 -0.57
CA VAL A 218 -15.13 -6.74 -0.46
C VAL A 218 -15.64 -6.44 -1.86
N SER A 219 -16.97 -6.41 -2.01
CA SER A 219 -17.59 -6.13 -3.30
C SER A 219 -18.07 -4.70 -3.34
N TYR A 220 -18.44 -4.21 -4.51
CA TYR A 220 -18.93 -2.84 -4.66
C TYR A 220 -20.21 -2.71 -3.85
N GLU A 221 -20.97 -3.79 -3.85
CA GLU A 221 -22.25 -3.90 -3.17
C GLU A 221 -22.13 -3.77 -1.64
N GLU A 222 -21.07 -4.33 -1.06
CA GLU A 222 -20.81 -4.22 0.39
C GLU A 222 -20.33 -2.82 0.76
N LEU A 223 -19.59 -2.18 -0.13
CA LEU A 223 -19.07 -0.84 0.12
C LEU A 223 -20.16 0.23 0.00
N LEU A 224 -21.17 -0.06 -0.80
CA LEU A 224 -22.26 0.90 -1.01
C LEU A 224 -23.28 0.81 0.13
N ARG A 225 -23.22 -0.29 0.87
CA ARG A 225 -24.15 -0.49 1.97
C ARG A 225 -24.13 0.68 2.92
N ALA A 226 -25.30 0.98 3.49
CA ALA A 226 -25.44 2.05 4.46
C ALA A 226 -24.85 1.61 5.80
N ALA A 227 -25.38 0.53 6.38
CA ALA A 227 -24.87 0.03 7.67
C ALA A 227 -24.57 1.17 8.65
N ALA A 228 -25.60 1.63 9.38
CA ALA A 228 -25.49 2.74 10.34
C ALA A 228 -24.47 2.57 11.48
#